data_3FPT
#
_entry.id   3FPT
#
_cell.length_a   68.704
_cell.length_b   70.491
_cell.length_c   103.819
_cell.angle_alpha   90.00
_cell.angle_beta   90.00
_cell.angle_gamma   90.00
#
_symmetry.space_group_name_H-M   'P 21 21 21'
#
loop_
_entity.id
_entity.type
_entity.pdbx_description
1 polymer Evasin-1
2 non-polymer 2-acetamido-2-deoxy-beta-D-glucopyranose
3 water water
#
_entity_poly.entity_id   1
_entity_poly.type   'polypeptide(L)'
_entity_poly.pdbx_seq_one_letter_code
;EDDEDYGDLGGCPFLVAENKTGYPTIVACKQDCNGTTETAPNGTRCFSIGDEGLRRMTANLPYDCPLGQCSNGDCIPKET
YEVCYRRNWRDKKNHHHHHH
;
_entity_poly.pdbx_strand_id   A,B,C
#
# COMPACT_ATOMS: atom_id res chain seq x y z
N ASP A 8 -9.00 7.92 -14.39
CA ASP A 8 -10.38 7.56 -13.83
C ASP A 8 -10.39 6.04 -13.96
N LEU A 9 -10.89 5.34 -12.92
CA LEU A 9 -11.10 3.87 -12.91
C LEU A 9 -9.78 3.30 -13.37
N GLY A 10 -9.33 2.16 -12.85
CA GLY A 10 -10.13 1.07 -12.31
C GLY A 10 -9.23 -0.14 -12.38
N GLY A 11 -9.82 -1.29 -12.06
CA GLY A 11 -9.08 -2.51 -11.97
C GLY A 11 -8.29 -2.42 -10.70
N CYS A 12 -7.88 -3.58 -10.22
CA CYS A 12 -7.13 -3.70 -9.02
C CYS A 12 -6.70 -5.19 -8.99
N PRO A 13 -5.72 -5.59 -8.14
CA PRO A 13 -5.16 -6.97 -8.17
C PRO A 13 -6.01 -8.07 -7.70
N PHE A 14 -5.76 -9.30 -8.18
CA PHE A 14 -6.57 -10.41 -7.62
C PHE A 14 -6.06 -10.90 -6.33
N LEU A 15 -6.89 -11.37 -5.38
CA LEU A 15 -6.33 -12.17 -4.21
C LEU A 15 -5.63 -13.47 -4.52
N VAL A 16 -4.72 -13.97 -3.68
CA VAL A 16 -4.16 -15.31 -3.88
C VAL A 16 -4.03 -16.17 -2.63
N ALA A 17 -3.71 -17.48 -2.68
CA ALA A 17 -3.16 -18.33 -1.58
C ALA A 17 -1.71 -18.64 -2.06
N GLU A 18 -0.87 -19.16 -1.20
CA GLU A 18 0.51 -19.55 -1.67
C GLU A 18 0.76 -21.01 -1.30
N ASN A 19 1.72 -21.64 -1.89
CA ASN A 19 2.18 -22.94 -1.40
C ASN A 19 3.07 -22.71 -0.18
N LYS A 20 3.77 -23.71 0.50
CA LYS A 20 4.36 -23.55 1.82
C LYS A 20 5.44 -22.50 1.67
N THR A 21 5.89 -22.27 0.43
CA THR A 21 6.96 -21.25 0.15
C THR A 21 6.53 -19.84 -0.37
N GLY A 22 5.28 -19.64 -0.81
CA GLY A 22 4.84 -18.23 -0.92
C GLY A 22 4.53 -17.90 -2.37
N TYR A 23 4.61 -18.91 -3.23
CA TYR A 23 4.22 -18.76 -4.60
C TYR A 23 2.69 -18.57 -4.64
N PRO A 24 2.19 -17.45 -5.18
CA PRO A 24 0.77 -17.10 -5.21
C PRO A 24 0.09 -17.69 -6.41
N THR A 25 -1.12 -18.04 -6.19
CA THR A 25 -1.94 -18.53 -7.25
C THR A 25 -3.29 -17.88 -6.91
N ILE A 26 -3.93 -17.26 -7.90
CA ILE A 26 -5.16 -16.55 -7.58
C ILE A 26 -6.27 -17.56 -7.30
N VAL A 27 -7.47 -17.12 -6.90
CA VAL A 27 -8.38 -17.98 -6.12
C VAL A 27 -9.67 -17.70 -6.67
N ALA A 28 -9.73 -16.77 -7.57
CA ALA A 28 -10.95 -16.69 -8.44
C ALA A 28 -10.59 -16.15 -9.79
N CYS A 29 -11.44 -16.32 -10.76
CA CYS A 29 -11.11 -15.71 -11.98
C CYS A 29 -11.76 -14.34 -12.28
N LYS A 30 -12.61 -13.88 -11.37
CA LYS A 30 -13.20 -12.58 -11.45
C LYS A 30 -13.08 -11.89 -10.17
N GLN A 31 -13.14 -10.57 -10.21
CA GLN A 31 -13.01 -9.76 -9.03
C GLN A 31 -13.97 -8.59 -9.16
N ASP A 32 -14.64 -8.16 -8.08
CA ASP A 32 -14.98 -6.77 -7.85
C ASP A 32 -13.90 -5.83 -7.43
N CYS A 33 -13.94 -4.66 -8.04
CA CYS A 33 -13.06 -3.53 -7.68
C CYS A 33 -14.08 -2.41 -7.55
N ASN A 34 -14.87 -2.51 -6.47
CA ASN A 34 -15.69 -1.43 -6.03
C ASN A 34 -16.98 -1.45 -6.84
N GLY A 35 -16.93 -1.31 -8.14
CA GLY A 35 -18.03 -1.89 -8.92
C GLY A 35 -17.47 -2.25 -10.27
N THR A 36 -16.16 -2.19 -10.41
CA THR A 36 -15.54 -2.56 -11.62
C THR A 36 -15.22 -4.08 -11.50
N THR A 37 -15.58 -4.80 -12.53
CA THR A 37 -15.39 -6.15 -12.61
C THR A 37 -14.17 -6.48 -13.41
N GLU A 38 -13.28 -7.32 -12.93
CA GLU A 38 -12.19 -7.85 -13.75
C GLU A 38 -12.31 -9.33 -14.13
N THR A 39 -11.85 -9.67 -15.34
CA THR A 39 -11.85 -11.04 -15.65
C THR A 39 -10.46 -11.48 -16.03
N ALA A 40 -9.92 -12.58 -15.46
CA ALA A 40 -8.57 -12.99 -15.80
C ALA A 40 -8.48 -13.61 -17.20
N PRO A 41 -7.31 -13.57 -17.83
CA PRO A 41 -7.21 -14.10 -19.25
C PRO A 41 -7.52 -15.60 -19.23
N ASN A 42 -8.44 -16.16 -20.08
CA ASN A 42 -8.47 -17.66 -20.37
C ASN A 42 -7.09 -18.33 -20.24
N GLY A 43 -6.99 -19.47 -19.54
CA GLY A 43 -5.71 -20.13 -19.25
C GLY A 43 -4.93 -19.88 -17.97
N THR A 44 -5.16 -18.75 -17.28
CA THR A 44 -4.43 -18.43 -15.98
C THR A 44 -4.62 -19.51 -14.94
N ARG A 45 -3.57 -20.01 -14.28
CA ARG A 45 -3.61 -20.94 -13.10
C ARG A 45 -4.52 -20.25 -12.09
N CYS A 46 -5.33 -21.04 -11.32
CA CYS A 46 -6.12 -20.51 -10.19
C CYS A 46 -6.52 -21.68 -9.34
N PHE A 47 -7.02 -21.43 -8.12
CA PHE A 47 -7.42 -22.51 -7.26
C PHE A 47 -8.88 -22.32 -7.33
N SER A 48 -9.68 -23.34 -7.35
CA SER A 48 -11.02 -22.93 -7.55
C SER A 48 -11.61 -22.76 -6.18
N ILE A 49 -11.18 -21.79 -5.41
CA ILE A 49 -11.91 -21.74 -4.21
C ILE A 49 -12.75 -20.44 -3.99
N GLY A 50 -12.63 -19.37 -4.78
CA GLY A 50 -13.42 -18.18 -4.57
C GLY A 50 -12.83 -17.27 -3.57
N ASP A 51 -13.09 -15.95 -3.67
CA ASP A 51 -12.81 -14.95 -2.57
C ASP A 51 -13.35 -15.35 -1.20
N GLU A 52 -14.62 -15.74 -1.02
CA GLU A 52 -15.00 -16.18 0.34
C GLU A 52 -14.35 -17.52 0.73
N GLY A 53 -14.24 -18.47 -0.19
CA GLY A 53 -13.38 -19.57 0.06
C GLY A 53 -12.08 -19.10 0.67
N LEU A 54 -11.39 -18.17 -0.01
CA LEU A 54 -10.19 -17.67 0.66
C LEU A 54 -10.41 -17.16 2.09
N ARG A 55 -11.41 -16.27 2.32
CA ARG A 55 -11.61 -15.56 3.63
C ARG A 55 -11.92 -16.52 4.77
N ARG A 56 -12.71 -17.50 4.50
CA ARG A 56 -13.02 -18.53 5.42
C ARG A 56 -11.88 -19.56 5.67
N MET A 57 -10.64 -19.32 5.23
CA MET A 57 -9.60 -20.35 5.42
C MET A 57 -8.79 -19.91 6.60
N THR A 58 -8.40 -20.83 7.46
CA THR A 58 -7.74 -20.32 8.70
C THR A 58 -6.35 -19.80 8.45
N ALA A 59 -5.94 -18.62 8.84
CA ALA A 59 -4.57 -18.21 8.47
C ALA A 59 -3.57 -19.28 8.80
N ASN A 60 -2.51 -19.38 7.98
CA ASN A 60 -1.41 -20.29 8.17
C ASN A 60 -1.72 -21.76 8.26
N LEU A 61 -2.84 -22.30 7.91
CA LEU A 61 -3.01 -23.74 8.06
C LEU A 61 -3.09 -24.45 6.67
N PRO A 62 -2.66 -25.70 6.56
CA PRO A 62 -2.59 -26.10 5.20
C PRO A 62 -3.99 -26.63 4.65
N TYR A 63 -4.43 -26.37 3.42
CA TYR A 63 -5.67 -27.01 2.87
C TYR A 63 -5.28 -27.68 1.56
N ASP A 64 -5.95 -28.75 1.09
CA ASP A 64 -5.62 -29.19 -0.23
C ASP A 64 -6.47 -28.32 -1.09
N CYS A 65 -5.92 -27.47 -1.94
CA CYS A 65 -6.80 -26.56 -2.63
C CYS A 65 -6.97 -27.11 -4.08
N PRO A 66 -8.19 -27.10 -4.69
CA PRO A 66 -8.25 -27.82 -5.95
C PRO A 66 -7.70 -26.89 -6.99
N LEU A 67 -6.64 -27.35 -7.71
CA LEU A 67 -6.12 -26.60 -8.84
C LEU A 67 -7.04 -26.61 -9.88
N GLY A 68 -6.91 -25.53 -10.80
CA GLY A 68 -7.72 -25.43 -12.03
C GLY A 68 -7.02 -24.52 -12.97
N GLN A 69 -7.60 -24.38 -14.14
CA GLN A 69 -7.21 -23.27 -15.08
C GLN A 69 -8.31 -22.33 -15.46
N CYS A 70 -8.13 -20.91 -15.60
CA CYS A 70 -9.34 -20.08 -15.88
C CYS A 70 -9.93 -20.17 -17.31
N SER A 71 -11.24 -20.18 -17.40
CA SER A 71 -11.76 -20.09 -18.71
C SER A 71 -13.05 -19.29 -18.74
N ASN A 72 -13.06 -18.23 -19.58
CA ASN A 72 -14.24 -17.36 -19.72
C ASN A 72 -14.73 -16.90 -18.33
N GLY A 73 -13.83 -16.47 -17.44
CA GLY A 73 -14.17 -16.10 -16.02
C GLY A 73 -14.46 -17.13 -14.89
N ASP A 74 -14.45 -18.41 -15.19
CA ASP A 74 -14.58 -19.37 -14.15
C ASP A 74 -13.36 -20.22 -14.02
N CYS A 75 -12.88 -20.46 -12.78
CA CYS A 75 -11.82 -21.45 -12.54
C CYS A 75 -12.33 -22.84 -12.87
N ILE A 76 -11.90 -23.46 -13.96
CA ILE A 76 -12.30 -24.84 -14.27
C ILE A 76 -11.38 -25.89 -13.61
N PRO A 77 -11.88 -26.66 -12.68
CA PRO A 77 -10.92 -27.54 -11.96
C PRO A 77 -10.35 -28.59 -12.89
N LYS A 78 -9.16 -29.05 -12.58
CA LYS A 78 -8.60 -30.04 -13.29
C LYS A 78 -8.30 -31.24 -12.43
N GLU A 79 -8.94 -31.35 -11.30
CA GLU A 79 -9.07 -32.69 -10.66
C GLU A 79 -7.75 -33.09 -10.04
N THR A 80 -6.78 -32.27 -10.40
CA THR A 80 -5.69 -32.26 -9.44
C THR A 80 -5.87 -31.30 -8.23
N TYR A 81 -5.01 -31.69 -7.19
CA TYR A 81 -5.09 -30.94 -6.05
C TYR A 81 -3.69 -30.61 -5.76
N GLU A 82 -3.51 -29.42 -4.86
CA GLU A 82 -2.24 -28.99 -4.52
C GLU A 82 -2.46 -28.38 -3.10
N VAL A 83 -1.30 -28.42 -2.15
CA VAL A 83 -1.30 -28.10 -0.89
C VAL A 83 -1.12 -26.60 -0.78
N CYS A 84 -2.11 -25.92 0.02
CA CYS A 84 -2.10 -24.47 0.03
C CYS A 84 -2.52 -23.65 1.16
N TYR A 85 -2.18 -22.30 1.07
CA TYR A 85 -2.14 -21.53 2.30
C TYR A 85 -2.74 -20.17 2.30
N ARG A 86 -3.56 -19.71 3.31
CA ARG A 86 -3.88 -18.22 3.40
C ARG A 86 -2.93 -17.53 4.42
N ARG A 87 -2.11 -16.58 3.91
CA ARG A 87 -1.16 -15.85 4.71
C ARG A 87 -1.48 -14.36 4.89
N ASN A 88 -1.81 -14.01 6.14
CA ASN A 88 -1.93 -12.53 6.31
C ASN A 88 -0.63 -11.77 6.55
N TRP A 89 -0.73 -10.44 6.56
CA TRP A 89 0.42 -9.55 6.75
C TRP A 89 1.07 -10.08 8.01
N ARG A 90 2.40 -10.23 8.00
CA ARG A 90 3.11 -10.55 9.17
C ARG A 90 2.68 -11.93 9.71
N ASP A 91 2.14 -12.77 8.79
CA ASP A 91 1.66 -14.17 9.10
C ASP A 91 0.62 -14.25 10.17
N LYS A 92 0.18 -13.12 10.66
CA LYS A 92 -0.61 -13.19 11.89
C LYS A 92 -2.02 -13.75 11.58
N LYS A 93 -2.82 -13.92 12.63
CA LYS A 93 -4.01 -14.74 12.61
C LYS A 93 -5.18 -14.09 11.83
N ASN A 94 -6.09 -14.89 11.31
CA ASN A 94 -7.08 -14.39 10.36
C ASN A 94 -7.92 -13.40 11.16
N HIS A 95 -8.50 -12.42 10.45
CA HIS A 95 -9.87 -11.82 10.66
C HIS A 95 -10.46 -11.28 12.01
N GLY B 11 6.96 15.84 -0.57
CA GLY B 11 5.59 15.27 -0.32
C GLY B 11 4.52 16.33 0.00
N CYS B 12 3.21 15.99 -0.01
CA CYS B 12 2.55 14.81 -0.70
C CYS B 12 3.41 13.51 -0.90
N PRO B 13 3.44 12.66 0.13
CA PRO B 13 4.21 11.43 0.11
C PRO B 13 3.49 10.37 -0.77
N PHE B 14 4.26 9.48 -1.40
CA PHE B 14 3.66 8.39 -2.13
C PHE B 14 3.00 7.29 -1.32
N LEU B 15 1.76 6.95 -1.74
CA LEU B 15 1.08 5.76 -1.22
C LEU B 15 2.00 4.61 -1.35
N VAL B 16 2.15 3.78 -0.26
CA VAL B 16 2.90 2.51 -0.45
C VAL B 16 2.13 1.20 -0.15
N ALA B 17 2.49 0.18 -1.01
CA ALA B 17 2.05 -1.18 -0.52
C ALA B 17 3.17 -1.77 0.14
N GLU B 18 2.84 -2.89 0.79
CA GLU B 18 3.78 -3.66 1.50
C GLU B 18 3.83 -5.12 1.25
N ASN B 19 5.05 -5.68 1.38
CA ASN B 19 5.10 -7.13 1.38
C ASN B 19 4.85 -7.79 2.71
N LYS B 20 4.85 -9.18 2.70
CA LYS B 20 4.48 -9.86 3.96
C LYS B 20 5.12 -9.37 5.36
N THR B 21 6.35 -8.84 5.36
CA THR B 21 7.01 -8.46 6.58
C THR B 21 7.02 -6.95 6.71
N GLY B 22 6.68 -6.17 5.69
CA GLY B 22 6.69 -4.74 5.86
C GLY B 22 7.51 -4.09 4.85
N TYR B 23 8.27 -4.72 3.84
CA TYR B 23 9.01 -3.87 2.87
C TYR B 23 7.90 -3.01 2.19
N PRO B 24 8.01 -1.67 2.15
CA PRO B 24 7.10 -0.76 1.31
C PRO B 24 7.51 -0.65 -0.07
N THR B 25 6.58 -0.70 -1.06
CA THR B 25 6.89 -0.12 -2.47
C THR B 25 5.86 0.79 -2.93
N ILE B 26 6.24 1.82 -3.64
CA ILE B 26 5.22 2.83 -4.14
C ILE B 26 4.37 2.07 -5.06
N VAL B 27 3.09 2.51 -5.36
CA VAL B 27 2.08 1.65 -5.86
C VAL B 27 1.66 2.52 -7.07
N ALA B 28 2.52 3.51 -7.39
CA ALA B 28 2.41 4.52 -8.45
C ALA B 28 3.68 5.33 -8.63
N CYS B 29 3.87 5.83 -9.84
CA CYS B 29 5.05 6.48 -10.28
C CYS B 29 5.14 8.01 -10.33
N LYS B 30 3.99 8.68 -10.18
CA LYS B 30 3.72 10.10 -10.39
C LYS B 30 2.72 10.41 -9.35
N GLN B 31 2.42 11.68 -9.10
CA GLN B 31 1.32 12.10 -8.18
C GLN B 31 1.15 13.64 -8.29
N ASP B 32 -0.03 14.23 -8.05
CA ASP B 32 -0.06 15.73 -7.96
C ASP B 32 -0.21 16.10 -6.52
N CYS B 33 -0.26 17.41 -6.23
CA CYS B 33 -0.64 17.82 -4.84
C CYS B 33 -1.68 18.93 -4.73
N ASN B 34 -2.23 19.34 -5.88
CA ASN B 34 -2.65 20.74 -6.07
C ASN B 34 -1.53 21.40 -6.88
N GLY B 35 -1.90 21.68 -8.14
CA GLY B 35 -0.99 22.04 -9.20
C GLY B 35 -0.05 20.88 -9.22
N THR B 36 1.13 21.11 -9.78
CA THR B 36 2.16 20.06 -9.95
C THR B 36 2.51 19.36 -8.60
N THR B 37 3.04 18.12 -8.60
CA THR B 37 3.27 17.09 -9.67
C THR B 37 4.60 16.36 -9.52
N GLU B 38 4.56 15.40 -8.59
CA GLU B 38 5.73 14.75 -8.03
C GLU B 38 5.97 13.59 -8.91
N THR B 39 7.23 13.22 -9.12
CA THR B 39 7.53 12.10 -9.99
C THR B 39 8.62 11.29 -9.39
N ALA B 40 8.47 9.99 -9.28
CA ALA B 40 9.50 9.20 -8.64
C ALA B 40 10.71 9.12 -9.54
N PRO B 41 11.90 9.04 -8.91
CA PRO B 41 13.12 8.93 -9.73
C PRO B 41 12.99 7.80 -10.70
N ASN B 42 13.59 7.90 -11.90
CA ASN B 42 13.61 6.75 -12.84
C ASN B 42 14.28 5.62 -12.08
N GLY B 43 14.02 4.37 -12.42
CA GLY B 43 14.69 3.20 -11.81
C GLY B 43 13.90 2.62 -10.61
N THR B 44 13.00 3.44 -9.99
CA THR B 44 12.47 3.13 -8.68
C THR B 44 11.60 1.92 -8.75
N ARG B 45 11.86 0.88 -7.96
CA ARG B 45 10.90 -0.21 -7.87
C ARG B 45 9.44 0.18 -7.52
N CYS B 46 8.41 -0.44 -8.08
CA CYS B 46 6.96 0.03 -7.90
C CYS B 46 6.04 -1.14 -8.20
N PHE B 47 4.77 -1.04 -7.81
CA PHE B 47 3.76 -2.03 -8.22
C PHE B 47 2.80 -1.35 -9.18
N SER B 48 2.46 -1.97 -10.28
CA SER B 48 1.67 -1.14 -11.11
C SER B 48 0.28 -1.43 -10.77
N ILE B 49 -0.23 -1.24 -9.55
CA ILE B 49 -1.66 -1.37 -9.36
C ILE B 49 -2.31 -0.01 -9.12
N GLY B 50 -1.51 1.10 -9.11
CA GLY B 50 -1.93 2.46 -8.87
C GLY B 50 -2.48 2.78 -7.46
N ASP B 51 -2.71 4.04 -7.12
CA ASP B 51 -3.30 4.29 -5.85
C ASP B 51 -4.69 3.71 -5.61
N GLU B 52 -5.57 3.67 -6.60
CA GLU B 52 -6.96 3.17 -6.32
C GLU B 52 -6.91 1.64 -6.21
N GLY B 53 -6.08 1.04 -7.11
CA GLY B 53 -5.53 -0.27 -6.83
C GLY B 53 -5.32 -0.45 -5.31
N LEU B 54 -4.45 0.37 -4.67
CA LEU B 54 -4.19 0.15 -3.29
C LEU B 54 -5.37 0.40 -2.43
N ARG B 55 -6.19 1.42 -2.75
CA ARG B 55 -7.29 1.83 -1.85
C ARG B 55 -8.31 0.72 -1.86
N ARG B 56 -8.50 0.10 -3.06
CA ARG B 56 -9.44 -1.03 -3.20
C ARG B 56 -9.10 -2.35 -2.55
N MET B 57 -7.87 -2.61 -2.16
CA MET B 57 -7.52 -3.84 -1.48
C MET B 57 -8.12 -4.01 -0.12
N THR B 58 -8.71 -5.11 0.24
CA THR B 58 -9.14 -5.29 1.62
C THR B 58 -7.84 -5.42 2.35
N ALA B 59 -7.81 -5.36 3.66
CA ALA B 59 -6.62 -4.98 4.35
C ALA B 59 -6.05 -6.20 4.88
N ASN B 60 -4.74 -6.24 4.99
CA ASN B 60 -4.08 -7.44 5.49
C ASN B 60 -4.29 -8.76 4.72
N LEU B 61 -5.20 -8.79 3.77
CA LEU B 61 -5.35 -9.91 2.85
C LEU B 61 -4.18 -10.07 1.77
N PRO B 62 -3.72 -11.29 1.34
CA PRO B 62 -2.59 -11.12 0.38
C PRO B 62 -3.04 -11.00 -1.02
N TYR B 63 -2.43 -10.13 -1.80
CA TYR B 63 -2.74 -10.02 -3.20
C TYR B 63 -1.57 -10.21 -4.14
N ASP B 64 -1.89 -10.25 -5.40
CA ASP B 64 -0.90 -10.43 -6.35
C ASP B 64 -0.52 -9.10 -7.01
N CYS B 65 0.66 -8.63 -6.76
CA CYS B 65 1.03 -7.36 -7.26
C CYS B 65 2.13 -7.45 -8.31
N PRO B 66 1.82 -7.07 -9.52
CA PRO B 66 2.90 -7.07 -10.56
C PRO B 66 3.93 -5.95 -10.33
N LEU B 67 5.24 -6.26 -10.41
CA LEU B 67 6.41 -5.39 -10.29
C LEU B 67 6.67 -4.66 -11.48
N GLY B 68 7.11 -3.45 -11.25
CA GLY B 68 7.70 -2.67 -12.34
C GLY B 68 8.86 -1.84 -11.86
N GLN B 69 9.47 -1.12 -12.80
CA GLN B 69 10.39 -0.09 -12.50
C GLN B 69 9.83 1.16 -12.93
N CYS B 70 10.32 2.25 -12.43
CA CYS B 70 9.68 3.47 -12.83
C CYS B 70 10.36 4.22 -13.95
N SER B 71 9.63 4.30 -15.07
CA SER B 71 10.08 5.10 -16.28
C SER B 71 9.28 6.36 -16.61
N ASN B 72 10.02 7.42 -16.83
CA ASN B 72 9.53 8.80 -16.65
C ASN B 72 8.08 9.00 -16.23
N GLY B 73 7.76 8.44 -15.07
CA GLY B 73 6.52 8.74 -14.43
C GLY B 73 5.58 7.59 -14.57
N ASP B 74 5.94 6.51 -15.27
CA ASP B 74 5.03 5.37 -15.27
C ASP B 74 5.71 4.11 -14.74
N CYS B 75 4.92 3.21 -14.18
CA CYS B 75 5.42 1.96 -13.69
C CYS B 75 5.46 1.10 -14.90
N ILE B 76 6.56 1.11 -15.65
CA ILE B 76 6.63 0.26 -16.81
C ILE B 76 6.91 -1.14 -16.27
N PRO B 77 5.98 -2.14 -16.47
CA PRO B 77 6.03 -3.35 -15.65
C PRO B 77 7.09 -4.23 -16.16
N LYS B 78 7.24 -5.40 -15.54
CA LYS B 78 8.43 -6.17 -15.86
C LYS B 78 8.13 -7.61 -15.87
N GLU B 79 6.84 -7.91 -15.79
CA GLU B 79 6.44 -9.29 -15.95
C GLU B 79 6.84 -10.02 -14.75
N THR B 80 7.44 -9.37 -13.77
CA THR B 80 7.43 -10.04 -12.48
C THR B 80 6.27 -9.60 -11.64
N TYR B 81 5.72 -10.52 -10.86
CA TYR B 81 4.71 -10.17 -9.88
C TYR B 81 5.34 -10.30 -8.44
N GLU B 82 4.50 -10.34 -7.36
CA GLU B 82 4.87 -10.57 -5.96
C GLU B 82 3.69 -10.41 -4.98
N VAL B 83 3.72 -10.94 -3.77
CA VAL B 83 2.53 -10.74 -2.99
C VAL B 83 2.50 -9.39 -2.20
N CYS B 84 1.45 -8.50 -2.19
CA CYS B 84 1.42 -7.26 -1.30
C CYS B 84 0.21 -7.23 -0.45
N TYR B 85 0.16 -6.26 0.53
CA TYR B 85 -0.98 -5.96 1.34
C TYR B 85 -1.10 -4.47 1.44
N ARG B 86 -2.23 -4.00 1.84
CA ARG B 86 -2.46 -2.65 2.20
C ARG B 86 -2.59 -2.86 3.71
N ARG B 87 -1.51 -2.62 4.52
CA ARG B 87 -1.60 -2.84 5.97
C ARG B 87 -2.40 -1.66 6.49
N ASN B 88 -3.11 -1.73 7.60
CA ASN B 88 -3.70 -0.46 8.15
C ASN B 88 -3.25 -0.22 9.64
N TRP B 89 -3.93 0.64 10.43
CA TRP B 89 -3.65 0.54 11.90
C TRP B 89 -4.71 0.01 12.84
N ASP C 8 -5.91 32.97 21.38
CA ASP C 8 -4.76 32.26 20.78
C ASP C 8 -3.48 32.70 21.55
N LEU C 9 -3.58 33.54 22.56
CA LEU C 9 -2.27 33.60 23.17
C LEU C 9 -2.09 32.37 24.10
N GLY C 10 -2.64 31.26 23.65
CA GLY C 10 -2.11 29.91 24.06
C GLY C 10 -1.10 29.45 22.94
N GLY C 11 -0.59 28.24 23.10
CA GLY C 11 0.15 27.72 21.93
C GLY C 11 -0.77 26.75 21.24
N CYS C 12 -0.24 25.97 20.33
CA CYS C 12 -1.06 24.85 19.93
C CYS C 12 -0.24 23.68 19.51
N PRO C 13 -0.88 22.51 19.43
CA PRO C 13 -0.03 21.33 19.02
C PRO C 13 0.21 21.48 17.51
N PHE C 14 1.48 21.31 17.14
CA PHE C 14 1.85 21.15 15.74
C PHE C 14 1.08 19.98 15.20
N LEU C 15 0.64 20.06 13.95
CA LEU C 15 0.06 18.94 13.30
C LEU C 15 1.11 17.80 13.17
N VAL C 16 0.66 16.55 13.15
CA VAL C 16 1.62 15.40 13.19
C VAL C 16 1.20 14.19 12.31
N ALA C 17 2.11 13.31 11.93
CA ALA C 17 1.64 12.00 11.34
C ALA C 17 2.17 11.01 12.29
N GLU C 18 1.75 9.77 12.28
CA GLU C 18 2.37 8.81 13.22
C GLU C 18 3.33 7.87 12.53
N ASN C 19 4.47 7.53 13.17
CA ASN C 19 5.39 6.48 12.62
C ASN C 19 4.83 5.05 12.77
N LYS C 20 5.64 3.99 12.67
CA LYS C 20 4.96 2.69 13.06
C LYS C 20 5.04 2.23 14.57
N THR C 21 6.20 2.41 15.19
CA THR C 21 6.29 2.48 16.68
C THR C 21 5.19 3.42 17.40
N GLY C 22 3.99 3.55 16.80
CA GLY C 22 2.91 4.49 17.20
C GLY C 22 3.09 6.01 17.46
N TYR C 23 4.31 6.52 17.51
CA TYR C 23 4.58 7.93 17.88
C TYR C 23 4.45 9.09 16.83
N PRO C 24 4.10 10.29 17.29
CA PRO C 24 3.78 11.42 16.44
C PRO C 24 4.98 12.12 15.89
N THR C 25 4.95 12.58 14.67
CA THR C 25 6.10 13.39 14.28
C THR C 25 5.49 14.56 13.60
N ILE C 26 6.13 15.70 13.75
CA ILE C 26 5.52 16.91 13.29
C ILE C 26 5.85 16.91 11.84
N VAL C 27 5.02 17.54 11.05
CA VAL C 27 5.05 17.56 9.63
C VAL C 27 5.52 18.91 9.06
N ALA C 28 5.56 19.97 9.85
CA ALA C 28 6.36 21.20 9.57
C ALA C 28 7.08 21.71 10.83
N CYS C 29 8.13 22.48 10.59
CA CYS C 29 8.78 23.10 11.70
C CYS C 29 8.10 24.39 12.30
N LYS C 30 7.11 24.96 11.57
CA LYS C 30 6.39 26.18 11.98
C LYS C 30 4.92 25.88 11.99
N GLN C 31 4.15 26.35 12.98
CA GLN C 31 2.72 26.08 13.02
C GLN C 31 2.03 27.37 13.27
N ASP C 32 1.00 27.72 12.54
CA ASP C 32 0.24 28.89 12.93
C ASP C 32 -0.84 28.47 13.93
N CYS C 33 -1.12 29.27 14.96
CA CYS C 33 -2.30 29.04 15.85
C CYS C 33 -3.12 30.29 15.81
N ASN C 34 -4.06 30.40 14.90
CA ASN C 34 -4.78 31.68 14.72
C ASN C 34 -3.95 32.91 14.87
N GLY C 35 -2.90 33.09 14.10
CA GLY C 35 -2.12 34.32 14.26
C GLY C 35 -0.82 34.26 15.01
N THR C 36 -0.78 33.49 16.08
CA THR C 36 0.40 33.24 16.88
C THR C 36 1.31 32.23 16.10
N THR C 37 2.62 32.40 16.02
CA THR C 37 3.43 31.54 15.21
C THR C 37 4.37 30.75 16.03
N GLU C 38 4.33 29.41 15.92
CA GLU C 38 5.25 28.56 16.70
C GLU C 38 6.37 28.06 15.86
N THR C 39 7.57 28.02 16.41
CA THR C 39 8.69 27.48 15.66
C THR C 39 9.38 26.46 16.51
N ALA C 40 9.81 25.32 15.92
CA ALA C 40 10.29 24.16 16.70
C ALA C 40 11.75 24.40 16.99
N PRO C 41 12.27 23.79 18.08
CA PRO C 41 13.66 23.98 18.42
C PRO C 41 14.50 23.23 17.38
N ASN C 42 15.61 23.83 16.91
CA ASN C 42 16.61 23.13 16.06
C ASN C 42 16.79 21.64 16.39
N GLY C 43 16.94 20.83 15.31
CA GLY C 43 17.09 19.41 15.40
C GLY C 43 15.87 18.61 15.86
N THR C 44 14.68 19.20 15.91
CA THR C 44 13.48 18.41 16.22
C THR C 44 13.30 17.54 14.98
N ARG C 45 12.96 16.28 15.21
CA ARG C 45 12.78 15.29 14.19
C ARG C 45 11.46 15.67 13.56
N CYS C 46 11.38 15.57 12.22
CA CYS C 46 10.11 15.92 11.56
C CYS C 46 9.90 15.16 10.24
N PHE C 47 8.66 15.03 9.76
CA PHE C 47 8.57 14.60 8.36
C PHE C 47 8.60 15.85 7.51
N SER C 48 9.31 15.85 6.40
CA SER C 48 9.23 17.03 5.62
C SER C 48 8.18 16.98 4.61
N ILE C 49 6.92 17.05 5.03
CA ILE C 49 5.81 16.91 4.19
C ILE C 49 4.98 18.23 4.22
N GLY C 50 4.87 18.89 5.38
CA GLY C 50 4.16 20.11 5.48
C GLY C 50 2.66 19.93 5.71
N ASP C 51 1.97 21.02 6.09
CA ASP C 51 0.60 20.92 6.45
C ASP C 51 -0.26 20.51 5.26
N GLU C 52 0.05 20.94 4.06
CA GLU C 52 -0.92 20.68 3.01
C GLU C 52 -0.72 19.23 2.67
N GLY C 53 0.53 18.87 2.37
CA GLY C 53 0.93 17.48 2.32
C GLY C 53 0.16 16.66 3.34
N LEU C 54 0.16 17.05 4.59
CA LEU C 54 -0.48 16.20 5.54
C LEU C 54 -1.95 16.12 5.36
N ARG C 55 -2.58 17.23 5.05
CA ARG C 55 -4.02 17.18 4.72
C ARG C 55 -4.34 16.20 3.60
N ARG C 56 -3.70 16.33 2.42
CA ARG C 56 -3.95 15.40 1.30
C ARG C 56 -3.82 13.90 1.62
N MET C 57 -3.06 13.49 2.60
CA MET C 57 -2.97 12.08 2.86
C MET C 57 -4.35 11.57 3.28
N THR C 58 -4.76 10.46 2.67
CA THR C 58 -5.95 9.73 3.13
C THR C 58 -5.75 9.11 4.51
N ALA C 59 -6.79 9.09 5.32
CA ALA C 59 -6.51 8.80 6.69
C ALA C 59 -6.30 7.30 6.75
N ASN C 60 -5.24 6.87 7.45
CA ASN C 60 -5.09 5.45 7.79
C ASN C 60 -4.43 4.54 6.74
N LEU C 61 -3.77 5.18 5.78
CA LEU C 61 -3.17 4.51 4.70
C LEU C 61 -1.65 4.75 4.80
N PRO C 62 -0.84 3.67 4.48
CA PRO C 62 0.63 3.71 4.58
C PRO C 62 1.15 4.59 3.45
N TYR C 63 1.98 5.55 3.88
CA TYR C 63 2.76 6.39 3.01
C TYR C 63 4.24 6.25 3.26
N ASP C 64 5.02 6.64 2.26
CA ASP C 64 6.42 6.66 2.29
C ASP C 64 6.77 8.06 2.80
N CYS C 65 6.87 8.31 4.09
CA CYS C 65 7.14 9.65 4.52
C CYS C 65 8.68 9.94 4.76
N PRO C 66 9.17 11.05 4.20
CA PRO C 66 10.56 11.49 4.27
C PRO C 66 10.92 12.13 5.59
N LEU C 67 12.02 11.71 6.19
CA LEU C 67 12.36 12.14 7.52
C LEU C 67 13.12 13.42 7.44
N GLY C 68 13.11 14.23 8.45
CA GLY C 68 13.99 15.38 8.39
C GLY C 68 14.37 15.96 9.73
N GLN C 69 15.12 17.05 9.69
CA GLN C 69 15.36 17.80 10.91
C GLN C 69 15.14 19.31 10.82
N CYS C 70 14.53 19.84 11.90
CA CYS C 70 14.28 21.28 11.99
C CYS C 70 15.58 22.10 12.10
N SER C 71 15.72 23.08 11.20
CA SER C 71 16.77 24.04 11.32
C SER C 71 16.17 25.34 10.88
N ASN C 72 16.15 26.24 11.89
CA ASN C 72 15.71 27.59 11.67
C ASN C 72 14.25 27.58 11.23
N GLY C 73 13.42 26.78 11.91
CA GLY C 73 12.06 26.63 11.40
C GLY C 73 11.70 26.02 10.00
N ASP C 74 12.66 25.42 9.26
CA ASP C 74 12.28 24.40 8.19
C ASP C 74 12.84 22.97 8.46
N CYS C 75 12.09 21.98 8.00
CA CYS C 75 12.51 20.60 8.08
C CYS C 75 13.51 20.49 6.98
N ILE C 76 14.78 20.26 7.33
CA ILE C 76 15.72 19.93 6.29
C ILE C 76 15.67 18.44 6.12
N PRO C 77 15.38 18.00 4.89
CA PRO C 77 15.13 16.55 4.66
C PRO C 77 16.43 15.94 4.72
N LYS C 78 16.50 14.80 5.31
CA LYS C 78 17.81 14.16 5.42
C LYS C 78 17.88 12.80 4.69
N GLU C 79 17.07 12.66 3.62
CA GLU C 79 17.00 11.42 2.79
C GLU C 79 16.79 10.03 3.26
N THR C 80 15.99 9.75 4.37
CA THR C 80 15.42 8.50 4.86
C THR C 80 13.92 8.66 4.86
N TYR C 81 13.07 7.61 4.97
CA TYR C 81 11.60 7.56 4.68
C TYR C 81 11.13 6.67 5.86
N GLU C 82 9.87 6.57 6.15
CA GLU C 82 9.38 5.39 6.94
C GLU C 82 7.95 5.44 6.61
N VAL C 83 7.15 4.48 7.02
CA VAL C 83 5.75 4.51 6.69
C VAL C 83 5.13 5.37 7.81
N CYS C 84 4.49 6.52 7.49
CA CYS C 84 3.51 7.13 8.42
C CYS C 84 2.21 6.93 7.78
N TYR C 85 1.22 7.19 8.62
CA TYR C 85 -0.09 7.58 8.22
C TYR C 85 -0.57 8.82 9.01
N ARG C 86 -1.76 9.28 8.64
CA ARG C 86 -2.54 10.36 9.35
C ARG C 86 -3.61 9.67 10.15
N ARG C 87 -3.79 9.88 11.46
CA ARG C 87 -4.99 9.42 12.20
C ARG C 87 -6.17 10.26 11.67
N ASN C 88 -7.43 9.76 11.61
CA ASN C 88 -8.61 10.50 10.95
C ASN C 88 -9.01 11.72 11.74
N TRP C 89 -8.94 12.90 11.10
CA TRP C 89 -8.92 14.23 11.78
C TRP C 89 -10.32 14.80 11.91
#